data_4O66
#
_entry.id   4O66
#
_cell.length_a   56.511
_cell.length_b   56.634
_cell.length_c   104.321
_cell.angle_alpha   90.00
_cell.angle_beta   90.00
_cell.angle_gamma   90.00
#
_symmetry.space_group_name_H-M   'P 21 21 21'
#
loop_
_entity.id
_entity.type
_entity.pdbx_description
1 polymer 'SWI/SNF-related matrix-associated actin-dependent regulator of chromatin subfamily A-like protein 1'
2 non-polymer 'SULFATE ION'
3 non-polymer 'SODIUM ION'
4 water water
#
_entity_poly.entity_id   1
_entity_poly.type   'polypeptide(L)'
_entity_poly.pdbx_seq_one_letter_code
;GPGSPQNTGFLRGACIKTGDRFRVKIGYNQELIAVFKSLPSRHYDSFTKTWDFSMSDYRALMKAVERLSTVSLKPL
;
_entity_poly.pdbx_strand_id   A,B,C,D
#
# COMPACT_ATOMS: atom_id res chain seq x y z
N PHE A 10 17.75 15.73 -13.36
CA PHE A 10 18.12 15.47 -11.96
C PHE A 10 16.89 15.22 -11.12
N LEU A 11 16.97 14.21 -10.25
CA LEU A 11 15.88 13.87 -9.31
C LEU A 11 16.37 13.77 -7.87
N ARG A 12 15.64 14.38 -6.95
CA ARG A 12 15.83 14.12 -5.53
C ARG A 12 14.70 13.20 -4.98
N GLY A 13 15.08 12.15 -4.25
CA GLY A 13 14.12 11.20 -3.70
C GLY A 13 14.53 10.74 -2.32
N ALA A 14 13.89 9.69 -1.83
CA ALA A 14 14.10 9.25 -0.46
C ALA A 14 13.85 7.76 -0.34
N CYS A 15 14.64 7.09 0.50
CA CYS A 15 14.38 5.69 0.86
C CYS A 15 13.45 5.69 2.04
N ILE A 16 12.46 4.81 2.01
CA ILE A 16 11.42 4.70 3.04
C ILE A 16 11.45 3.29 3.58
N LYS A 17 11.77 3.13 4.85
CA LYS A 17 11.88 1.80 5.43
C LYS A 17 10.48 1.17 5.65
N THR A 18 10.36 -0.08 5.23
CA THR A 18 9.14 -0.87 5.41
C THR A 18 9.55 -2.24 5.91
N GLY A 19 9.76 -2.37 7.22
CA GLY A 19 10.22 -3.64 7.76
C GLY A 19 11.64 -3.93 7.31
N ASP A 20 11.89 -5.13 6.80
CA ASP A 20 13.23 -5.46 6.38
C ASP A 20 13.37 -5.22 4.90
N ARG A 21 12.49 -4.36 4.35
CA ARG A 21 12.63 -3.91 2.97
C ARG A 21 12.54 -2.40 2.99
N PHE A 22 12.78 -1.77 1.85
CA PHE A 22 12.61 -0.33 1.75
C PHE A 22 12.14 0.00 0.34
N ARG A 23 11.46 1.15 0.19
CA ARG A 23 10.97 1.66 -1.10
C ARG A 23 11.74 2.91 -1.49
N VAL A 24 11.86 3.18 -2.79
CA VAL A 24 12.46 4.45 -3.20
C VAL A 24 11.37 5.32 -3.78
N LYS A 25 11.20 6.52 -3.22
CA LYS A 25 10.13 7.46 -3.61
C LYS A 25 10.73 8.73 -4.16
N ILE A 26 10.28 9.17 -5.34
CA ILE A 26 10.80 10.44 -5.89
C ILE A 26 9.98 11.65 -5.45
N GLY A 27 10.66 12.69 -4.99
CA GLY A 27 9.99 13.83 -4.39
C GLY A 27 9.26 14.68 -5.43
N TYR A 28 8.44 15.61 -4.96
CA TYR A 28 7.68 16.54 -5.80
C TYR A 28 8.51 17.81 -5.97
N ASN A 29 7.98 18.82 -6.65
CA ASN A 29 8.63 20.13 -6.71
C ASN A 29 7.72 21.20 -6.15
N GLN A 30 8.22 22.43 -6.03
CA GLN A 30 7.50 23.50 -5.38
C GLN A 30 6.17 23.80 -6.05
N GLU A 31 6.17 23.87 -7.38
CA GLU A 31 4.97 24.18 -8.15
C GLU A 31 3.85 23.20 -7.92
N LEU A 32 4.20 21.93 -7.93
CA LEU A 32 3.25 20.84 -7.83
C LEU A 32 2.62 20.81 -6.47
N ILE A 33 3.44 20.95 -5.43
CA ILE A 33 2.92 20.98 -4.07
C ILE A 33 1.95 22.16 -3.89
N ALA A 34 2.26 23.29 -4.52
CA ALA A 34 1.37 24.44 -4.47
C ALA A 34 -0.01 24.07 -5.05
N VAL A 35 -0.02 23.38 -6.20
CA VAL A 35 -1.27 22.89 -6.78
C VAL A 35 -1.94 21.96 -5.78
N PHE A 36 -1.19 21.02 -5.23
CA PHE A 36 -1.76 20.07 -4.28
C PHE A 36 -2.46 20.74 -3.12
N LYS A 37 -1.87 21.78 -2.57
CA LYS A 37 -2.42 22.44 -1.39
C LYS A 37 -3.61 23.33 -1.71
N SER A 38 -3.83 23.56 -3.00
CA SER A 38 -4.99 24.32 -3.47
C SER A 38 -6.24 23.46 -3.62
N LEU A 39 -6.06 22.15 -3.59
CA LEU A 39 -7.15 21.23 -3.83
C LEU A 39 -7.84 20.84 -2.53
N PRO A 40 -9.16 21.00 -2.48
CA PRO A 40 -9.89 20.75 -1.23
C PRO A 40 -9.84 19.31 -0.70
N SER A 41 -9.72 18.28 -1.54
CA SER A 41 -9.76 16.88 -1.06
C SER A 41 -8.38 16.28 -0.79
N ARG A 42 -7.36 17.11 -0.88
CA ARG A 42 -5.96 16.71 -0.71
C ARG A 42 -5.70 15.95 0.60
N HIS A 43 -4.80 14.98 0.49
CA HIS A 43 -4.32 14.22 1.64
C HIS A 43 -2.86 13.89 1.43
N TYR A 44 -2.03 14.23 2.41
CA TYR A 44 -0.64 13.79 2.37
C TYR A 44 -0.36 12.65 3.33
N ASP A 45 0.19 11.56 2.80
CA ASP A 45 0.64 10.45 3.62
C ASP A 45 2.09 10.68 3.97
N SER A 46 2.38 11.05 5.21
CA SER A 46 3.76 11.39 5.59
C SER A 46 4.66 10.16 5.76
N PHE A 47 4.06 8.99 5.91
CA PHE A 47 4.82 7.73 5.89
C PHE A 47 5.27 7.39 4.45
N THR A 48 4.36 7.34 3.48
CA THR A 48 4.75 7.00 2.13
C THR A 48 5.25 8.16 1.29
N LYS A 49 5.15 9.37 1.83
CA LYS A 49 5.55 10.59 1.12
C LYS A 49 4.75 10.81 -0.19
N THR A 50 3.48 10.41 -0.16
CA THR A 50 2.61 10.47 -1.35
C THR A 50 1.35 11.26 -1.09
N TRP A 51 0.91 12.04 -2.09
CA TRP A 51 -0.34 12.82 -2.03
C TRP A 51 -1.47 12.08 -2.73
N ASP A 52 -2.63 12.06 -2.13
CA ASP A 52 -3.78 11.54 -2.85
C ASP A 52 -4.96 12.51 -2.75
N PHE A 53 -5.93 12.33 -3.63
CA PHE A 53 -7.03 13.26 -3.85
C PHE A 53 -8.30 12.49 -4.16
N SER A 54 -9.47 13.07 -3.90
CA SER A 54 -10.71 12.54 -4.45
C SER A 54 -10.69 12.64 -5.98
N MET A 55 -11.35 11.70 -6.64
CA MET A 55 -11.62 11.86 -8.06
C MET A 55 -12.33 13.19 -8.37
N SER A 56 -13.06 13.74 -7.41
CA SER A 56 -13.71 15.03 -7.61
C SER A 56 -12.69 16.14 -7.90
N ASP A 57 -11.43 15.96 -7.49
CA ASP A 57 -10.40 16.95 -7.79
C ASP A 57 -9.54 16.64 -8.96
N TYR A 58 -9.81 15.53 -9.66
CA TYR A 58 -8.92 15.08 -10.73
C TYR A 58 -8.82 16.08 -11.86
N ARG A 59 -9.96 16.56 -12.35
CA ARG A 59 -9.97 17.47 -13.50
C ARG A 59 -9.24 18.79 -13.15
N ALA A 60 -9.48 19.30 -11.95
CA ALA A 60 -8.82 20.51 -11.47
C ALA A 60 -7.32 20.35 -11.39
N LEU A 61 -6.86 19.21 -10.85
CA LEU A 61 -5.43 18.96 -10.79
C LEU A 61 -4.79 18.97 -12.16
N MET A 62 -5.43 18.28 -13.12
CA MET A 62 -4.83 18.10 -14.41
C MET A 62 -4.81 19.45 -15.14
N LYS A 63 -5.85 20.25 -14.90
CA LYS A 63 -5.97 21.60 -15.46
C LYS A 63 -4.91 22.55 -14.91
N ALA A 64 -4.59 22.46 -13.62
CA ALA A 64 -3.55 23.33 -13.07
C ALA A 64 -2.19 22.91 -13.57
N VAL A 65 -1.99 21.62 -13.77
CA VAL A 65 -0.69 21.12 -14.14
C VAL A 65 -0.34 21.42 -15.61
N GLU A 66 -1.36 21.54 -16.45
CA GLU A 66 -1.12 21.83 -17.85
C GLU A 66 -0.51 23.21 -18.02
N ARG A 67 -0.60 24.02 -16.97
CA ARG A 67 -0.11 25.40 -16.98
C ARG A 67 1.29 25.50 -16.39
N LEU A 68 1.76 24.39 -15.85
CA LEU A 68 3.08 24.33 -15.29
C LEU A 68 4.02 23.74 -16.32
N SER A 69 5.09 24.49 -16.62
CA SER A 69 6.05 24.03 -17.60
C SER A 69 7.04 23.09 -16.95
N THR A 70 7.03 22.99 -15.64
CA THR A 70 7.96 22.09 -14.98
C THR A 70 7.33 20.79 -14.50
N VAL A 71 6.05 20.58 -14.81
CA VAL A 71 5.37 19.34 -14.43
C VAL A 71 4.55 18.77 -15.58
N SER A 72 4.65 17.47 -15.78
CA SER A 72 3.82 16.77 -16.76
C SER A 72 3.25 15.49 -16.14
N LEU A 73 1.94 15.31 -16.13
CA LEU A 73 1.38 14.10 -15.49
C LEU A 73 0.63 13.21 -16.46
N LYS A 74 0.95 11.93 -16.45
CA LYS A 74 0.19 10.91 -17.16
C LYS A 74 -1.22 10.82 -16.59
N PRO A 75 -2.25 11.03 -17.42
CA PRO A 75 -3.63 10.90 -16.97
C PRO A 75 -3.92 9.47 -16.56
N LEU A 76 -4.80 9.30 -15.60
CA LEU A 76 -5.23 7.98 -15.30
C LEU A 76 -6.26 7.57 -16.33
N PHE B 10 12.28 20.12 -13.89
CA PHE B 10 11.12 19.51 -14.54
C PHE B 10 10.93 18.09 -14.02
N LEU B 11 9.67 17.72 -13.82
CA LEU B 11 9.29 16.35 -13.43
C LEU B 11 8.17 15.78 -14.29
N ARG B 12 8.34 14.52 -14.70
CA ARG B 12 7.27 13.73 -15.29
C ARG B 12 6.72 12.71 -14.28
N GLY B 13 5.40 12.70 -14.08
CA GLY B 13 4.78 11.76 -13.18
C GLY B 13 3.52 11.15 -13.75
N ALA B 14 2.74 10.52 -12.88
CA ALA B 14 1.52 9.82 -13.30
C ALA B 14 0.46 9.84 -12.22
N CYS B 15 -0.80 9.97 -12.61
CA CYS B 15 -1.93 9.72 -11.69
C CYS B 15 -2.29 8.27 -11.68
N ILE B 16 -2.58 7.75 -10.51
CA ILE B 16 -2.83 6.33 -10.30
C ILE B 16 -4.16 6.23 -9.60
N LYS B 17 -5.14 5.67 -10.29
CA LYS B 17 -6.46 5.50 -9.76
C LYS B 17 -6.58 4.45 -8.65
N THR B 18 -7.19 4.85 -7.54
CA THR B 18 -7.40 4.00 -6.40
C THR B 18 -8.84 4.20 -5.95
N GLY B 19 -9.76 3.49 -6.62
CA GLY B 19 -11.18 3.64 -6.33
C GLY B 19 -11.70 5.01 -6.72
N ASP B 20 -12.35 5.71 -5.79
CA ASP B 20 -12.79 7.07 -6.09
C ASP B 20 -11.77 8.13 -5.62
N ARG B 21 -10.53 7.69 -5.41
CA ARG B 21 -9.43 8.62 -5.19
C ARG B 21 -8.31 8.31 -6.16
N PHE B 22 -7.28 9.14 -6.19
CA PHE B 22 -6.13 8.86 -7.02
C PHE B 22 -4.90 9.41 -6.33
N ARG B 23 -3.73 8.85 -6.63
CA ARG B 23 -2.44 9.29 -6.10
C ARG B 23 -1.63 9.89 -7.22
N VAL B 24 -0.69 10.79 -6.90
CA VAL B 24 0.26 11.28 -7.88
C VAL B 24 1.63 10.72 -7.54
N LYS B 25 2.22 10.02 -8.50
CA LYS B 25 3.56 9.40 -8.35
C LYS B 25 4.57 9.98 -9.31
N ILE B 26 5.72 10.41 -8.82
CA ILE B 26 6.71 10.95 -9.73
C ILE B 26 7.61 9.84 -10.27
N GLY B 27 7.86 9.83 -11.58
CA GLY B 27 8.64 8.79 -12.22
C GLY B 27 10.13 8.84 -11.94
N TYR B 28 10.84 7.79 -12.32
CA TYR B 28 12.29 7.66 -12.14
C TYR B 28 13.02 8.17 -13.36
N ASN B 29 14.35 8.05 -13.42
CA ASN B 29 15.06 8.37 -14.64
C ASN B 29 15.83 7.15 -15.09
N GLN B 30 16.42 7.24 -16.29
CA GLN B 30 17.11 6.09 -16.91
C GLN B 30 18.22 5.55 -16.00
N GLU B 31 19.02 6.45 -15.43
CA GLU B 31 20.16 6.06 -14.61
C GLU B 31 19.77 5.24 -13.41
N LEU B 32 18.72 5.71 -12.75
CA LEU B 32 18.24 5.13 -11.51
C LEU B 32 17.62 3.79 -11.75
N ILE B 33 16.85 3.66 -12.83
CA ILE B 33 16.29 2.37 -13.20
C ILE B 33 17.38 1.33 -13.52
N ALA B 34 18.45 1.77 -14.16
CA ALA B 34 19.59 0.91 -14.40
C ALA B 34 20.18 0.36 -13.12
N VAL B 35 20.31 1.23 -12.10
CA VAL B 35 20.79 0.81 -10.77
C VAL B 35 19.80 -0.17 -10.17
N PHE B 36 18.51 0.17 -10.18
CA PHE B 36 17.50 -0.74 -9.71
C PHE B 36 17.60 -2.16 -10.30
N LYS B 37 17.79 -2.26 -11.61
CA LYS B 37 17.77 -3.56 -12.25
C LYS B 37 19.05 -4.32 -12.04
N SER B 38 20.05 -3.69 -11.45
CA SER B 38 21.31 -4.35 -11.11
C SER B 38 21.26 -5.04 -9.76
N LEU B 39 20.24 -4.70 -8.97
CA LEU B 39 20.15 -5.18 -7.60
C LEU B 39 19.36 -6.47 -7.53
N PRO B 40 19.94 -7.49 -6.90
CA PRO B 40 19.32 -8.83 -6.87
C PRO B 40 17.96 -8.93 -6.16
N SER B 41 17.64 -8.08 -5.18
CA SER B 41 16.41 -8.22 -4.42
C SER B 41 15.28 -7.32 -4.95
N ARG B 42 15.53 -6.68 -6.09
CA ARG B 42 14.63 -5.68 -6.71
C ARG B 42 13.24 -6.24 -6.90
N HIS B 43 12.25 -5.34 -6.76
CA HIS B 43 10.84 -5.65 -7.01
C HIS B 43 10.15 -4.42 -7.50
N TYR B 44 9.52 -4.50 -8.67
CA TYR B 44 8.74 -3.38 -9.20
C TYR B 44 7.26 -3.66 -9.01
N ASP B 45 6.56 -2.71 -8.42
CA ASP B 45 5.11 -2.71 -8.35
C ASP B 45 4.57 -1.87 -9.50
N SER B 46 4.04 -2.55 -10.52
CA SER B 46 3.52 -1.90 -11.71
C SER B 46 2.20 -1.15 -11.47
N PHE B 47 1.46 -1.50 -10.42
CA PHE B 47 0.26 -0.75 -10.04
C PHE B 47 0.65 0.58 -9.44
N THR B 48 1.50 0.60 -8.40
CA THR B 48 1.87 1.85 -7.75
C THR B 48 2.99 2.61 -8.45
N LYS B 49 3.65 1.96 -9.40
CA LYS B 49 4.84 2.49 -10.10
C LYS B 49 6.04 2.74 -9.15
N THR B 50 6.26 1.82 -8.23
CA THR B 50 7.27 1.97 -7.19
C THR B 50 8.17 0.76 -7.13
N TRP B 51 9.46 1.01 -6.94
CA TRP B 51 10.47 -0.03 -6.73
C TRP B 51 10.74 -0.22 -5.25
N ASP B 52 10.79 -1.47 -4.79
CA ASP B 52 11.29 -1.76 -3.46
C ASP B 52 12.39 -2.87 -3.49
N PHE B 53 13.18 -2.93 -2.40
CA PHE B 53 14.38 -3.78 -2.26
C PHE B 53 14.47 -4.33 -0.84
N SER B 54 15.15 -5.46 -0.69
CA SER B 54 15.60 -5.92 0.62
C SER B 54 16.53 -4.88 1.26
N MET B 55 16.47 -4.79 2.57
CA MET B 55 17.50 -4.03 3.26
C MET B 55 18.92 -4.56 2.93
N SER B 56 19.03 -5.81 2.53
CA SER B 56 20.34 -6.37 2.16
C SER B 56 20.95 -5.63 0.95
N ASP B 57 20.11 -4.92 0.15
CA ASP B 57 20.60 -4.15 -0.99
C ASP B 57 20.70 -2.65 -0.73
N TYR B 58 20.37 -2.21 0.47
CA TYR B 58 20.34 -0.78 0.76
C TYR B 58 21.68 -0.12 0.56
N ARG B 59 22.75 -0.70 1.11
CA ARG B 59 24.08 -0.08 1.02
C ARG B 59 24.59 -0.06 -0.43
N ALA B 60 24.39 -1.15 -1.17
CA ALA B 60 24.73 -1.18 -2.60
C ALA B 60 23.95 -0.11 -3.38
N LEU B 61 22.65 0.06 -3.12
CA LEU B 61 21.86 1.08 -3.81
C LEU B 61 22.42 2.49 -3.59
N MET B 62 22.71 2.79 -2.31
CA MET B 62 23.17 4.09 -1.92
C MET B 62 24.56 4.37 -2.50
N LYS B 63 25.42 3.35 -2.49
CA LYS B 63 26.75 3.40 -3.15
C LYS B 63 26.69 3.66 -4.65
N ALA B 64 25.82 2.98 -5.37
CA ALA B 64 25.67 3.23 -6.81
C ALA B 64 25.11 4.61 -7.13
N VAL B 65 24.29 5.14 -6.24
CA VAL B 65 23.64 6.41 -6.50
C VAL B 65 24.60 7.58 -6.28
N GLU B 66 25.59 7.38 -5.43
CA GLU B 66 26.48 8.46 -5.07
C GLU B 66 27.36 8.83 -6.29
N ARG B 67 27.38 7.92 -7.26
CA ARG B 67 28.14 8.07 -8.49
C ARG B 67 27.33 8.68 -9.64
N LEU B 68 26.04 8.84 -9.41
CA LEU B 68 25.16 9.43 -10.40
C LEU B 68 25.03 10.89 -10.05
N SER B 69 25.32 11.74 -11.03
CA SER B 69 25.17 13.16 -10.84
C SER B 69 23.72 13.63 -11.07
N THR B 70 22.88 12.75 -11.60
CA THR B 70 21.50 13.11 -11.81
C THR B 70 20.53 12.52 -10.79
N VAL B 71 21.04 11.84 -9.78
CA VAL B 71 20.18 11.32 -8.72
C VAL B 71 20.77 11.63 -7.36
N SER B 72 19.92 12.03 -6.42
CA SER B 72 20.30 12.20 -5.02
C SER B 72 19.25 11.54 -4.13
N LEU B 73 19.60 10.55 -3.31
CA LEU B 73 18.57 9.98 -2.41
C LEU B 73 18.79 10.24 -0.91
N LYS B 74 17.74 10.67 -0.23
CA LYS B 74 17.72 10.75 1.21
C LYS B 74 17.83 9.38 1.84
N PRO B 75 18.87 9.17 2.65
CA PRO B 75 19.06 7.90 3.35
C PRO B 75 17.94 7.62 4.31
N LEU B 76 17.68 6.36 4.55
CA LEU B 76 16.65 6.07 5.53
C LEU B 76 17.29 6.07 6.88
N ASN C 7 -4.59 -22.38 13.10
CA ASN C 7 -5.60 -21.38 12.81
C ASN C 7 -6.41 -21.87 11.63
N THR C 8 -7.51 -22.54 11.94
CA THR C 8 -8.25 -23.29 10.95
C THR C 8 -9.72 -22.84 10.84
N GLY C 9 -10.01 -21.67 11.39
CA GLY C 9 -11.37 -21.20 11.45
C GLY C 9 -11.73 -20.55 10.15
N PHE C 10 -13.02 -20.31 9.96
CA PHE C 10 -13.53 -19.76 8.70
C PHE C 10 -13.20 -18.27 8.56
N LEU C 11 -12.79 -17.89 7.37
CA LEU C 11 -12.55 -16.50 6.98
C LEU C 11 -13.25 -16.12 5.68
N ARG C 12 -13.94 -14.98 5.67
CA ARG C 12 -14.38 -14.34 4.45
C ARG C 12 -13.40 -13.20 4.05
N GLY C 13 -13.03 -13.12 2.77
CA GLY C 13 -12.17 -12.03 2.33
C GLY C 13 -12.58 -11.56 0.95
N ALA C 14 -11.68 -10.87 0.26
CA ALA C 14 -12.00 -10.26 -1.01
C ALA C 14 -10.73 -10.08 -1.81
N CYS C 15 -10.84 -10.28 -3.12
CA CYS C 15 -9.75 -9.96 -4.03
C CYS C 15 -9.89 -8.54 -4.48
N ILE C 16 -8.79 -7.83 -4.54
CA ILE C 16 -8.73 -6.41 -4.88
C ILE C 16 -7.79 -6.26 -6.01
N LYS C 17 -8.31 -5.85 -7.15
CA LYS C 17 -7.53 -5.64 -8.38
C LYS C 17 -6.62 -4.42 -8.26
N THR C 18 -5.36 -4.61 -8.63
CA THR C 18 -4.37 -3.57 -8.65
C THR C 18 -3.62 -3.74 -9.97
N GLY C 19 -4.16 -3.18 -11.05
CA GLY C 19 -3.53 -3.32 -12.35
C GLY C 19 -3.66 -4.73 -12.86
N ASP C 20 -2.57 -5.33 -13.30
CA ASP C 20 -2.60 -6.72 -13.77
C ASP C 20 -2.22 -7.69 -12.65
N ARG C 21 -2.33 -7.22 -11.40
CA ARG C 21 -2.17 -8.09 -10.25
C ARG C 21 -3.36 -7.92 -9.34
N PHE C 22 -3.46 -8.71 -8.28
CA PHE C 22 -4.55 -8.49 -7.32
C PHE C 22 -4.06 -8.90 -5.96
N ARG C 23 -4.65 -8.31 -4.89
CA ARG C 23 -4.33 -8.63 -3.48
C ARG C 23 -5.49 -9.36 -2.86
N VAL C 24 -5.24 -10.15 -1.85
CA VAL C 24 -6.30 -10.79 -1.10
C VAL C 24 -6.35 -10.20 0.30
N LYS C 25 -7.51 -9.67 0.68
CA LYS C 25 -7.69 -8.93 1.94
C LYS C 25 -8.75 -9.62 2.79
N ILE C 26 -8.43 -9.93 4.04
CA ILE C 26 -9.41 -10.59 4.89
C ILE C 26 -10.31 -9.56 5.61
N GLY C 27 -11.62 -9.79 5.56
CA GLY C 27 -12.58 -8.85 6.12
C GLY C 27 -12.51 -8.77 7.64
N TYR C 28 -13.17 -7.75 8.19
CA TYR C 28 -13.31 -7.52 9.63
C TYR C 28 -14.60 -8.15 10.10
N ASN C 29 -14.93 -8.03 11.40
CA ASN C 29 -16.22 -8.54 11.88
C ASN C 29 -17.02 -7.40 12.44
N GLN C 30 -18.22 -7.67 12.88
CA GLN C 30 -19.14 -6.63 13.34
C GLN C 30 -18.59 -5.88 14.57
N GLU C 31 -18.17 -6.64 15.58
CA GLU C 31 -17.56 -6.10 16.77
C GLU C 31 -16.43 -5.12 16.54
N LEU C 32 -15.51 -5.53 15.67
CA LEU C 32 -14.29 -4.79 15.44
C LEU C 32 -14.60 -3.47 14.76
N ILE C 33 -15.47 -3.51 13.76
CA ILE C 33 -15.87 -2.32 13.04
C ILE C 33 -16.56 -1.31 14.00
N ALA C 34 -17.37 -1.81 14.94
CA ALA C 34 -17.99 -0.98 15.96
C ALA C 34 -16.92 -0.24 16.75
N VAL C 35 -15.86 -0.94 17.18
CA VAL C 35 -14.72 -0.31 17.87
C VAL C 35 -14.12 0.77 16.96
N PHE C 36 -13.83 0.40 15.71
CA PHE C 36 -13.28 1.34 14.72
C PHE C 36 -14.10 2.61 14.64
N LYS C 37 -15.42 2.48 14.54
CA LYS C 37 -16.24 3.68 14.32
C LYS C 37 -16.40 4.51 15.57
N SER C 38 -15.95 3.98 16.71
CA SER C 38 -15.93 4.74 17.96
C SER C 38 -14.71 5.64 18.10
N LEU C 39 -13.73 5.46 17.23
CA LEU C 39 -12.45 6.12 17.43
C LEU C 39 -12.43 7.39 16.61
N PRO C 40 -12.01 8.50 17.23
CA PRO C 40 -12.12 9.79 16.54
C PRO C 40 -11.20 9.95 15.34
N SER C 41 -10.03 9.30 15.31
CA SER C 41 -9.09 9.51 14.21
C SER C 41 -9.25 8.49 13.05
N ARG C 42 -10.30 7.68 13.11
CA ARG C 42 -10.55 6.59 12.19
C ARG C 42 -10.59 7.06 10.74
N HIS C 43 -10.12 6.18 9.85
CA HIS C 43 -10.14 6.41 8.41
C HIS C 43 -10.24 5.05 7.73
N TYR C 44 -11.26 4.90 6.90
CA TYR C 44 -11.41 3.73 6.06
C TYR C 44 -10.96 4.02 4.62
N ASP C 45 -10.06 3.19 4.10
CA ASP C 45 -9.69 3.17 2.69
C ASP C 45 -10.60 2.18 1.96
N SER C 46 -11.55 2.68 1.16
CA SER C 46 -12.52 1.79 0.49
C SER C 46 -11.90 1.07 -0.70
N PHE C 47 -10.75 1.56 -1.18
CA PHE C 47 -9.99 0.84 -2.21
C PHE C 47 -9.26 -0.37 -1.63
N THR C 48 -8.47 -0.19 -0.56
CA THR C 48 -7.74 -1.31 0.01
C THR C 48 -8.53 -2.14 1.02
N LYS C 49 -9.71 -1.66 1.38
CA LYS C 49 -10.56 -2.29 2.40
C LYS C 49 -9.87 -2.37 3.79
N THR C 50 -9.13 -1.32 4.14
CA THR C 50 -8.36 -1.27 5.37
C THR C 50 -8.66 -0.02 6.16
N TRP C 51 -8.75 -0.20 7.48
CA TRP C 51 -8.87 0.90 8.44
C TRP C 51 -7.54 1.37 9.02
N ASP C 52 -7.35 2.66 9.08
CA ASP C 52 -6.18 3.18 9.79
C ASP C 52 -6.53 4.32 10.75
N PHE C 53 -5.65 4.53 11.72
CA PHE C 53 -5.89 5.38 12.91
C PHE C 53 -4.66 6.18 13.28
N SER C 54 -4.83 7.31 13.92
CA SER C 54 -3.71 7.97 14.56
C SER C 54 -3.12 7.12 15.69
N MET C 55 -1.83 7.26 15.93
CA MET C 55 -1.24 6.64 17.10
C MET C 55 -1.94 7.15 18.39
N SER C 56 -2.55 8.32 18.33
CA SER C 56 -3.31 8.83 19.46
C SER C 56 -4.49 7.91 19.84
N ASP C 57 -5.00 7.12 18.90
CA ASP C 57 -6.06 6.15 19.20
C ASP C 57 -5.62 4.70 19.45
N TYR C 58 -4.32 4.43 19.38
CA TYR C 58 -3.82 3.07 19.54
C TYR C 58 -4.19 2.43 20.87
N ARG C 59 -3.94 3.14 21.97
CA ARG C 59 -4.18 2.56 23.30
C ARG C 59 -5.69 2.31 23.51
N ALA C 60 -6.51 3.25 23.07
CA ALA C 60 -7.96 3.04 23.12
C ALA C 60 -8.40 1.85 22.27
N LEU C 61 -7.89 1.74 21.03
CA LEU C 61 -8.19 0.56 20.21
C LEU C 61 -7.86 -0.75 20.93
N MET C 62 -6.65 -0.82 21.50
CA MET C 62 -6.14 -2.08 22.03
C MET C 62 -6.91 -2.49 23.29
N LYS C 63 -7.35 -1.48 24.03
CA LYS C 63 -8.15 -1.61 25.23
C LYS C 63 -9.54 -2.18 24.91
N ALA C 64 -10.17 -1.68 23.85
CA ALA C 64 -11.49 -2.12 23.48
C ALA C 64 -11.41 -3.55 22.99
N VAL C 65 -10.33 -3.86 22.32
CA VAL C 65 -10.24 -5.16 21.68
C VAL C 65 -9.98 -6.28 22.70
N GLU C 66 -9.29 -5.95 23.78
CA GLU C 66 -9.05 -6.89 24.87
C GLU C 66 -10.37 -7.38 25.51
N ARG C 67 -11.44 -6.61 25.29
CA ARG C 67 -12.76 -6.93 25.82
C ARG C 67 -13.59 -7.74 24.85
N LEU C 68 -13.07 -7.87 23.65
CA LEU C 68 -13.75 -8.67 22.67
C LEU C 68 -13.17 -10.04 22.67
N SER C 69 -14.00 -11.05 22.89
CA SER C 69 -13.51 -12.41 22.83
C SER C 69 -13.42 -12.94 21.40
N THR C 70 -13.94 -12.23 20.42
CA THR C 70 -13.85 -12.70 19.03
C THR C 70 -12.75 -12.00 18.25
N VAL C 71 -11.97 -11.13 18.88
CA VAL C 71 -10.91 -10.45 18.18
C VAL C 71 -9.63 -10.49 19.01
N SER C 72 -8.52 -10.75 18.35
CA SER C 72 -7.24 -10.65 18.99
C SER C 72 -6.23 -9.92 18.10
N LEU C 73 -5.64 -8.83 18.56
CA LEU C 73 -4.70 -8.10 17.70
C LEU C 73 -3.24 -8.12 18.22
N LYS C 74 -2.32 -8.43 17.32
CA LYS C 74 -0.91 -8.29 17.60
C LYS C 74 -0.57 -6.81 17.82
N PRO C 75 0.02 -6.45 18.97
CA PRO C 75 0.44 -5.08 19.23
C PRO C 75 1.51 -4.67 18.31
N LEU C 76 1.58 -3.40 17.99
CA LEU C 76 2.69 -2.95 17.20
C LEU C 76 3.85 -2.71 18.16
N ASN D 7 -17.34 -10.87 7.87
CA ASN D 7 -16.93 -11.93 8.79
C ASN D 7 -17.78 -11.94 10.06
N THR D 8 -18.11 -13.13 10.55
CA THR D 8 -18.95 -13.21 11.73
C THR D 8 -18.41 -14.18 12.77
N GLY D 9 -17.13 -14.54 12.66
CA GLY D 9 -16.48 -15.41 13.63
C GLY D 9 -15.32 -14.75 14.40
N PHE D 10 -14.53 -15.58 15.11
CA PHE D 10 -13.34 -15.09 15.79
C PHE D 10 -12.29 -14.76 14.74
N LEU D 11 -11.58 -13.66 14.97
CA LEU D 11 -10.52 -13.19 14.08
C LEU D 11 -9.23 -12.85 14.82
N ARG D 12 -8.12 -13.30 14.28
CA ARG D 12 -6.82 -12.85 14.75
C ARG D 12 -6.15 -11.92 13.72
N GLY D 13 -5.68 -10.75 14.16
CA GLY D 13 -5.11 -9.78 13.28
C GLY D 13 -3.85 -9.16 13.85
N ALA D 14 -3.42 -8.06 13.24
CA ALA D 14 -2.23 -7.34 13.68
C ALA D 14 -2.29 -5.84 13.38
N CYS D 15 -1.76 -5.02 14.30
CA CYS D 15 -1.58 -3.61 14.01
C CYS D 15 -0.24 -3.42 13.34
N ILE D 16 -0.21 -2.56 12.35
CA ILE D 16 0.98 -2.34 11.53
C ILE D 16 1.34 -0.87 11.58
N LYS D 17 2.51 -0.56 12.13
CA LYS D 17 2.87 0.85 12.28
C LYS D 17 3.27 1.48 10.95
N THR D 18 2.67 2.62 10.65
CA THR D 18 2.99 3.41 9.46
C THR D 18 3.21 4.87 9.88
N GLY D 19 4.41 5.19 10.37
CA GLY D 19 4.67 6.52 10.88
C GLY D 19 3.92 6.79 12.16
N ASP D 20 3.20 7.90 12.21
CA ASP D 20 2.44 8.20 13.40
C ASP D 20 0.99 7.73 13.27
N ARG D 21 0.75 6.81 12.34
CA ARG D 21 -0.54 6.14 12.23
C ARG D 21 -0.29 4.66 12.21
N PHE D 22 -1.36 3.87 12.26
CA PHE D 22 -1.21 2.42 12.18
C PHE D 22 -2.41 1.89 11.47
N ARG D 23 -2.28 0.72 10.84
CA ARG D 23 -3.36 0.01 10.14
C ARG D 23 -3.70 -1.25 10.90
N VAL D 24 -4.93 -1.75 10.78
CA VAL D 24 -5.27 -3.05 11.36
C VAL D 24 -5.49 -4.03 10.23
N LYS D 25 -4.73 -5.12 10.22
CA LYS D 25 -4.80 -6.14 9.14
C LYS D 25 -5.26 -7.46 9.69
N ILE D 26 -6.28 -8.09 9.07
CA ILE D 26 -6.71 -9.40 9.55
C ILE D 26 -5.91 -10.55 8.88
N GLY D 27 -5.47 -11.51 9.70
CA GLY D 27 -4.64 -12.60 9.22
C GLY D 27 -5.40 -13.62 8.37
N TYR D 28 -4.64 -14.54 7.79
CA TYR D 28 -5.18 -15.60 6.94
C TYR D 28 -5.39 -16.88 7.77
N ASN D 29 -5.72 -18.02 7.15
CA ASN D 29 -5.76 -19.28 7.88
C ASN D 29 -4.89 -20.30 7.17
N GLN D 30 -4.72 -21.48 7.77
CA GLN D 30 -3.79 -22.48 7.25
C GLN D 30 -4.15 -22.90 5.82
N GLU D 31 -5.44 -23.10 5.55
CA GLU D 31 -5.90 -23.54 4.22
C GLU D 31 -5.62 -22.54 3.11
N LEU D 32 -5.87 -21.29 3.41
CA LEU D 32 -5.69 -20.24 2.44
C LEU D 32 -4.21 -20.08 2.08
N ILE D 33 -3.35 -20.12 3.09
CA ILE D 33 -1.92 -19.94 2.86
C ILE D 33 -1.38 -21.11 2.03
N ALA D 34 -1.92 -22.30 2.27
CA ALA D 34 -1.60 -23.47 1.44
C ALA D 34 -1.92 -23.26 -0.04
N VAL D 35 -3.10 -22.66 -0.32
CA VAL D 35 -3.50 -22.31 -1.69
C VAL D 35 -2.56 -21.24 -2.21
N PHE D 36 -2.28 -20.25 -1.39
CA PHE D 36 -1.36 -19.18 -1.79
C PHE D 36 -0.02 -19.75 -2.23
N LYS D 37 0.52 -20.70 -1.48
CA LYS D 37 1.87 -21.18 -1.77
C LYS D 37 1.91 -22.13 -2.96
N SER D 38 0.74 -22.55 -3.42
CA SER D 38 0.59 -23.36 -4.62
C SER D 38 0.52 -22.57 -5.92
N LEU D 39 0.39 -21.26 -5.82
CA LEU D 39 0.30 -20.44 -7.00
C LEU D 39 1.64 -19.88 -7.40
N PRO D 40 2.02 -20.07 -8.66
CA PRO D 40 3.35 -19.67 -9.12
C PRO D 40 3.66 -18.17 -9.07
N SER D 41 2.67 -17.28 -9.13
CA SER D 41 2.93 -15.82 -9.21
C SER D 41 2.87 -15.15 -7.85
N ARG D 42 2.73 -15.94 -6.79
CA ARG D 42 2.51 -15.45 -5.43
C ARG D 42 3.60 -14.51 -4.96
N HIS D 43 3.17 -13.53 -4.17
CA HIS D 43 4.10 -12.57 -3.54
C HIS D 43 3.54 -12.19 -2.19
N TYR D 44 4.37 -12.32 -1.15
CA TYR D 44 4.00 -11.91 0.19
C TYR D 44 4.72 -10.63 0.59
N ASP D 45 3.94 -9.65 1.03
CA ASP D 45 4.50 -8.42 1.55
C ASP D 45 4.55 -8.60 3.06
N SER D 46 5.74 -8.74 3.62
CA SER D 46 5.89 -9.00 5.03
C SER D 46 5.68 -7.73 5.87
N PHE D 47 5.84 -6.55 5.27
CA PHE D 47 5.51 -5.30 5.95
C PHE D 47 4.00 -5.20 6.11
N THR D 48 3.21 -5.30 5.03
CA THR D 48 1.75 -5.10 5.11
C THR D 48 0.97 -6.35 5.53
N LYS D 49 1.67 -7.46 5.59
CA LYS D 49 1.07 -8.77 5.85
C LYS D 49 0.00 -9.18 4.81
N THR D 50 0.26 -8.89 3.55
CA THR D 50 -0.71 -9.11 2.49
C THR D 50 -0.10 -9.92 1.38
N TRP D 51 -0.88 -10.85 0.80
CA TRP D 51 -0.45 -11.64 -0.37
C TRP D 51 -1.01 -11.04 -1.64
N ASP D 52 -0.21 -10.97 -2.69
CA ASP D 52 -0.73 -10.61 -4.00
C ASP D 52 -0.26 -11.60 -5.10
N PHE D 53 -0.98 -11.61 -6.23
CA PHE D 53 -0.81 -12.57 -7.31
C PHE D 53 -1.02 -11.91 -8.68
N SER D 54 -0.41 -12.45 -9.72
CA SER D 54 -0.79 -12.07 -11.07
C SER D 54 -2.29 -12.34 -11.32
N MET D 55 -2.91 -11.55 -12.20
CA MET D 55 -4.22 -11.93 -12.67
C MET D 55 -4.19 -13.32 -13.35
N SER D 56 -3.03 -13.73 -13.84
CA SER D 56 -2.91 -15.04 -14.48
C SER D 56 -3.23 -16.16 -13.50
N ASP D 57 -3.14 -15.88 -12.20
CA ASP D 57 -3.50 -16.87 -11.15
C ASP D 57 -4.82 -16.71 -10.52
N TYR D 58 -5.61 -15.72 -10.94
CA TYR D 58 -6.90 -15.40 -10.32
C TYR D 58 -7.89 -16.56 -10.40
N ARG D 59 -8.07 -17.13 -11.60
CA ARG D 59 -9.03 -18.23 -11.79
C ARG D 59 -8.64 -19.47 -10.99
N ALA D 60 -7.35 -19.79 -10.98
CA ALA D 60 -6.89 -20.89 -10.15
C ALA D 60 -7.15 -20.63 -8.68
N LEU D 61 -6.89 -19.40 -8.18
CA LEU D 61 -7.11 -19.11 -6.78
C LEU D 61 -8.56 -19.34 -6.40
N MET D 62 -9.45 -18.82 -7.26
CA MET D 62 -10.86 -18.79 -6.96
C MET D 62 -11.43 -20.22 -6.99
N LYS D 63 -10.92 -21.02 -7.95
CA LYS D 63 -11.21 -22.45 -8.05
C LYS D 63 -10.75 -23.29 -6.86
N ALA D 64 -9.55 -23.05 -6.33
CA ALA D 64 -9.12 -23.77 -5.13
C ALA D 64 -9.93 -23.37 -3.89
N VAL D 65 -10.39 -22.12 -3.85
CA VAL D 65 -11.02 -21.62 -2.64
C VAL D 65 -12.44 -22.13 -2.56
N GLU D 66 -13.02 -22.38 -3.72
CA GLU D 66 -14.37 -22.90 -3.77
C GLU D 66 -14.47 -24.29 -3.12
N ARG D 67 -13.31 -24.94 -3.03
CA ARG D 67 -13.18 -26.24 -2.39
C ARG D 67 -12.89 -26.21 -0.91
N LEU D 68 -12.63 -25.03 -0.38
CA LEU D 68 -12.39 -24.88 1.03
C LEU D 68 -13.66 -24.47 1.73
N SER D 69 -14.03 -25.22 2.75
CA SER D 69 -15.18 -24.88 3.55
C SER D 69 -14.85 -23.87 4.62
N THR D 70 -13.57 -23.50 4.76
CA THR D 70 -13.24 -22.45 5.73
C THR D 70 -12.74 -21.16 5.11
N VAL D 71 -12.87 -21.03 3.80
CA VAL D 71 -12.59 -19.75 3.12
C VAL D 71 -13.66 -19.40 2.08
N SER D 72 -14.03 -18.13 2.01
CA SER D 72 -14.94 -17.64 0.99
C SER D 72 -14.40 -16.31 0.52
N LEU D 73 -14.14 -16.14 -0.78
CA LEU D 73 -13.64 -14.85 -1.28
C LEU D 73 -14.58 -14.13 -2.25
N LYS D 74 -14.80 -12.84 -1.99
CA LYS D 74 -15.49 -11.98 -2.92
C LYS D 74 -14.65 -11.84 -4.20
N PRO D 75 -15.23 -12.15 -5.37
CA PRO D 75 -14.54 -12.03 -6.63
C PRO D 75 -14.26 -10.56 -6.91
N LEU D 76 -13.20 -10.31 -7.63
CA LEU D 76 -13.02 -8.96 -8.07
C LEU D 76 -13.88 -8.74 -9.30
#